data_2IS9
#
_entry.id   2IS9
#
_cell.length_a   81.107
_cell.length_b   81.107
_cell.length_c   106.023
_cell.angle_alpha   90.000
_cell.angle_beta   90.000
_cell.angle_gamma   90.000
#
_symmetry.space_group_name_H-M   'I 41'
#
loop_
_entity.id
_entity.type
_entity.pdbx_description
1 polymer 'Defective in cullin neddylation protein 1'
2 non-polymer 'PLATINUM (II) ION'
3 non-polymer 'CHLORIDE ION'
4 non-polymer '2-(N-MORPHOLINO)-ETHANESULFONIC ACID'
5 water water
#
_entity_poly.entity_id   1
_entity_poly.type   'polypeptide(L)'
_entity_poly.pdbx_seq_one_letter_code
;AHPPVYPKELTQVFEHYINNNLFDIDSLVKFIEELGYNLEDLATLCLAHLLGYKKLEEPLKREDFLSTWFMQGCSTISDM
QECIKTLDVKLHEDLQYFTQIYNYAFNLILDPNRKDIDTDEGIQYWKLFFQPEYPVRMEPDLLEAWFRFLRDEGKTTISK
DTWRMLLLFFKRYPTIQKIISDYDETAAWPFIIDEFYECLQDQQ
;
_entity_poly.pdbx_strand_id   A
#
loop_
_chem_comp.id
_chem_comp.type
_chem_comp.name
_chem_comp.formula
CL non-polymer 'CHLORIDE ION' 'Cl -1'
MES non-polymer '2-(N-MORPHOLINO)-ETHANESULFONIC ACID' 'C6 H13 N O4 S'
PT non-polymer 'PLATINUM (II) ION' 'Pt 2'
#
# COMPACT_ATOMS: atom_id res chain seq x y z
N ALA A 1 -30.14 -8.87 -32.05
CA ALA A 1 -29.55 -9.01 -30.68
C ALA A 1 -28.22 -8.25 -30.62
N HIS A 2 -28.19 -7.20 -29.79
CA HIS A 2 -27.01 -6.33 -29.73
C HIS A 2 -25.83 -7.03 -29.05
N PRO A 3 -24.59 -6.73 -29.47
CA PRO A 3 -23.45 -7.31 -28.77
C PRO A 3 -23.38 -6.81 -27.31
N PRO A 4 -22.80 -7.62 -26.41
CA PRO A 4 -22.75 -7.21 -25.00
C PRO A 4 -21.90 -5.95 -24.88
N VAL A 5 -22.13 -5.17 -23.83
CA VAL A 5 -21.27 -4.01 -23.58
C VAL A 5 -19.84 -4.51 -23.38
N TYR A 6 -19.67 -5.50 -22.51
CA TYR A 6 -18.34 -6.00 -22.17
C TYR A 6 -18.04 -7.31 -22.89
N PRO A 7 -16.77 -7.51 -23.32
CA PRO A 7 -16.40 -8.74 -24.01
C PRO A 7 -16.77 -10.00 -23.20
N LYS A 8 -17.13 -11.06 -23.91
CA LYS A 8 -17.48 -12.33 -23.30
C LYS A 8 -16.34 -12.82 -22.39
N GLU A 9 -15.12 -12.71 -22.90
CA GLU A 9 -13.91 -13.10 -22.18
C GLU A 9 -13.81 -12.41 -20.81
N LEU A 10 -14.19 -11.12 -20.77
CA LEU A 10 -14.10 -10.32 -19.54
C LEU A 10 -15.13 -10.71 -18.50
N THR A 11 -16.39 -10.79 -18.93
CA THR A 11 -17.44 -11.25 -18.03
C THR A 11 -17.17 -12.68 -17.52
N GLN A 12 -16.57 -13.51 -18.38
CA GLN A 12 -16.11 -14.85 -17.98
C GLN A 12 -15.11 -14.85 -16.81
N VAL A 13 -14.16 -13.91 -16.82
CA VAL A 13 -13.23 -13.79 -15.69
C VAL A 13 -13.98 -13.43 -14.41
N PHE A 14 -14.86 -12.44 -14.49
CA PHE A 14 -15.61 -12.02 -13.31
C PHE A 14 -16.41 -13.19 -12.74
N GLU A 15 -17.09 -13.90 -13.63
CA GLU A 15 -17.96 -15.03 -13.27
C GLU A 15 -17.18 -16.18 -12.68
N HIS A 16 -15.93 -16.32 -13.12
CA HIS A 16 -15.04 -17.35 -12.60
C HIS A 16 -14.75 -17.17 -11.11
N TYR A 17 -14.51 -15.92 -10.69
CA TYR A 17 -14.09 -15.63 -9.31
C TYR A 17 -15.19 -15.25 -8.33
N ILE A 18 -16.32 -14.76 -8.84
CA ILE A 18 -17.45 -14.41 -7.98
C ILE A 18 -17.78 -15.59 -7.04
N ASN A 19 -18.09 -15.27 -5.79
CA ASN A 19 -18.53 -16.26 -4.82
C ASN A 19 -20.01 -16.00 -4.55
N ASN A 20 -20.83 -16.87 -5.13
CA ASN A 20 -22.28 -16.73 -5.10
C ASN A 20 -22.71 -15.41 -5.75
N ASN A 21 -23.05 -14.40 -4.95
CA ASN A 21 -23.53 -13.11 -5.46
C ASN A 21 -22.53 -11.95 -5.31
N LEU A 22 -21.31 -12.27 -4.73
CA LEU A 22 -20.34 -11.21 -4.45
C LEU A 22 -18.91 -11.56 -4.90
N PHE A 23 -18.26 -10.60 -5.54
CA PHE A 23 -16.82 -10.64 -5.71
C PHE A 23 -16.19 -10.16 -4.42
N ASP A 24 -16.03 -11.06 -3.48
CA ASP A 24 -15.66 -10.67 -2.13
C ASP A 24 -14.16 -10.86 -1.88
N ILE A 25 -13.76 -10.89 -0.60
CA ILE A 25 -12.32 -10.98 -0.32
C ILE A 25 -11.72 -12.29 -0.83
N ASP A 26 -12.49 -13.36 -0.72
CA ASP A 26 -12.04 -14.66 -1.23
C ASP A 26 -11.92 -14.65 -2.75
N SER A 27 -12.85 -13.97 -3.42
CA SER A 27 -12.74 -13.79 -4.87
C SER A 27 -11.44 -13.04 -5.23
N LEU A 28 -11.19 -11.95 -4.51
CA LEU A 28 -10.02 -11.11 -4.72
C LEU A 28 -8.74 -11.91 -4.52
N VAL A 29 -8.70 -12.70 -3.44
CA VAL A 29 -7.50 -13.51 -3.14
C VAL A 29 -7.21 -14.52 -4.26
N LYS A 30 -8.24 -15.19 -4.77
CA LYS A 30 -8.04 -16.15 -5.84
C LYS A 30 -7.65 -15.47 -7.15
N PHE A 31 -8.28 -14.33 -7.43
CA PHE A 31 -7.98 -13.51 -8.60
C PHE A 31 -6.53 -13.02 -8.57
N ILE A 32 -6.11 -12.42 -7.45
CA ILE A 32 -4.72 -11.95 -7.24
C ILE A 32 -3.72 -13.10 -7.48
N GLU A 33 -4.05 -14.28 -6.98
CA GLU A 33 -3.14 -15.42 -7.11
C GLU A 33 -3.01 -15.85 -8.58
N GLU A 34 -4.12 -15.80 -9.31
CA GLU A 34 -4.09 -16.09 -10.74
C GLU A 34 -3.33 -15.03 -11.54
N LEU A 35 -3.35 -13.79 -11.06
CA LEU A 35 -2.59 -12.72 -11.70
C LEU A 35 -1.08 -12.88 -11.49
N GLY A 36 -0.71 -13.69 -10.51
CA GLY A 36 0.70 -14.01 -10.22
C GLY A 36 1.23 -13.46 -8.90
N TYR A 37 0.32 -12.95 -8.07
CA TYR A 37 0.69 -12.20 -6.87
C TYR A 37 0.14 -12.78 -5.57
N ASN A 38 0.52 -12.19 -4.44
CA ASN A 38 -0.05 -12.53 -3.13
C ASN A 38 -0.77 -11.30 -2.57
N LEU A 39 -1.72 -11.52 -1.66
CA LEU A 39 -2.52 -10.42 -1.11
C LEU A 39 -1.66 -9.30 -0.50
N GLU A 40 -0.57 -9.69 0.15
CA GLU A 40 0.29 -8.76 0.88
C GLU A 40 1.26 -7.94 -0.02
N ASP A 41 1.29 -8.23 -1.32
CA ASP A 41 2.26 -7.60 -2.22
C ASP A 41 1.90 -6.14 -2.44
N LEU A 42 2.91 -5.30 -2.64
CA LEU A 42 2.64 -3.91 -3.04
C LEU A 42 1.91 -3.83 -4.39
N ALA A 43 2.18 -4.79 -5.27
CA ALA A 43 1.45 -4.82 -6.55
C ALA A 43 -0.06 -4.95 -6.35
N THR A 44 -0.46 -5.68 -5.30
CA THR A 44 -1.87 -5.83 -4.94
C THR A 44 -2.51 -4.48 -4.60
N LEU A 45 -1.76 -3.61 -3.91
CA LEU A 45 -2.25 -2.25 -3.68
C LEU A 45 -2.51 -1.50 -4.99
N CYS A 46 -1.61 -1.63 -5.95
CA CYS A 46 -1.77 -1.01 -7.28
C CYS A 46 -3.04 -1.52 -7.97
N LEU A 47 -3.27 -2.82 -7.87
CA LEU A 47 -4.48 -3.45 -8.43
C LEU A 47 -5.78 -2.94 -7.78
N ALA A 48 -5.81 -2.98 -6.45
CA ALA A 48 -6.93 -2.45 -5.69
C ALA A 48 -7.24 -0.98 -6.02
N HIS A 49 -6.18 -0.16 -6.11
CA HIS A 49 -6.28 1.25 -6.46
C HIS A 49 -6.88 1.43 -7.85
N LEU A 50 -6.40 0.64 -8.81
CA LEU A 50 -6.91 0.67 -10.19
C LEU A 50 -8.40 0.38 -10.22
N LEU A 51 -8.82 -0.64 -9.47
CA LEU A 51 -10.23 -1.07 -9.42
C LEU A 51 -11.12 -0.20 -8.52
N GLY A 52 -10.50 0.71 -7.77
CA GLY A 52 -11.26 1.71 -7.01
C GLY A 52 -11.71 1.24 -5.63
N TYR A 53 -11.00 0.26 -5.06
CA TYR A 53 -11.32 -0.22 -3.71
C TYR A 53 -11.11 0.89 -2.71
N LYS A 54 -12.05 1.02 -1.77
CA LYS A 54 -11.87 1.90 -0.62
C LYS A 54 -11.38 1.09 0.58
N LYS A 55 -11.92 -0.12 0.73
CA LYS A 55 -11.53 -1.02 1.82
C LYS A 55 -11.27 -2.40 1.24
N LEU A 56 -10.19 -3.03 1.71
CA LEU A 56 -9.69 -4.26 1.11
C LEU A 56 -10.73 -5.38 1.04
N GLU A 57 -11.55 -5.50 2.08
CA GLU A 57 -12.51 -6.59 2.19
C GLU A 57 -13.94 -6.22 1.78
N GLU A 58 -14.11 -5.03 1.19
CA GLU A 58 -15.40 -4.61 0.66
C GLU A 58 -15.61 -5.35 -0.66
N PRO A 59 -16.85 -5.83 -0.93
CA PRO A 59 -17.15 -6.46 -2.22
C PRO A 59 -16.92 -5.52 -3.40
N LEU A 60 -16.50 -6.08 -4.54
CA LEU A 60 -16.28 -5.33 -5.75
C LEU A 60 -17.47 -5.52 -6.67
N LYS A 61 -18.19 -4.43 -6.93
CA LYS A 61 -19.37 -4.49 -7.80
C LYS A 61 -18.96 -4.95 -9.18
N ARG A 62 -19.82 -5.77 -9.79
CA ARG A 62 -19.60 -6.26 -11.15
C ARG A 62 -19.25 -5.12 -12.10
N GLU A 63 -20.04 -4.05 -12.07
CA GLU A 63 -19.88 -2.95 -13.01
C GLU A 63 -18.50 -2.29 -12.83
N ASP A 64 -18.04 -2.19 -11.58
CA ASP A 64 -16.72 -1.59 -11.31
C ASP A 64 -15.58 -2.46 -11.85
N PHE A 65 -15.68 -3.78 -11.69
CA PHE A 65 -14.68 -4.72 -12.24
C PHE A 65 -14.63 -4.60 -13.77
N LEU A 66 -15.80 -4.68 -14.40
CA LEU A 66 -15.87 -4.66 -15.85
C LEU A 66 -15.45 -3.32 -16.46
N SER A 67 -16.03 -2.22 -15.97
CA SER A 67 -15.70 -0.91 -16.56
C SER A 67 -14.21 -0.58 -16.44
N THR A 68 -13.62 -0.89 -15.29
CA THR A 68 -12.20 -0.66 -15.04
C THR A 68 -11.32 -1.38 -16.06
N TRP A 69 -11.55 -2.70 -16.19
CA TRP A 69 -10.75 -3.51 -17.10
C TRP A 69 -11.00 -3.12 -18.55
N PHE A 70 -12.25 -2.84 -18.90
CA PHE A 70 -12.56 -2.38 -20.25
C PHE A 70 -11.85 -1.08 -20.61
N MET A 71 -11.84 -0.11 -19.69
CA MET A 71 -11.17 1.18 -19.92
C MET A 71 -9.66 0.99 -20.13
N GLN A 72 -9.08 0.00 -19.47
CA GLN A 72 -7.66 -0.36 -19.65
C GLN A 72 -7.38 -1.25 -20.85
N GLY A 73 -8.40 -1.55 -21.63
CA GLY A 73 -8.27 -2.41 -22.79
C GLY A 73 -7.94 -3.86 -22.47
N CYS A 74 -8.36 -4.32 -21.29
CA CYS A 74 -8.10 -5.69 -20.84
C CYS A 74 -9.36 -6.53 -20.84
N SER A 75 -9.27 -7.73 -21.42
CA SER A 75 -10.41 -8.66 -21.38
C SER A 75 -10.02 -10.03 -20.83
N THR A 76 -8.74 -10.36 -20.83
CA THR A 76 -8.31 -11.69 -20.43
C THR A 76 -7.36 -11.60 -19.23
N ILE A 77 -7.16 -12.74 -18.57
CA ILE A 77 -6.19 -12.84 -17.47
C ILE A 77 -4.79 -12.36 -17.89
N SER A 78 -4.33 -12.79 -19.07
CA SER A 78 -3.05 -12.33 -19.60
C SER A 78 -2.98 -10.81 -19.77
N ASP A 79 -4.06 -10.18 -20.27
CA ASP A 79 -4.12 -8.72 -20.42
C ASP A 79 -3.94 -8.06 -19.06
N MET A 80 -4.70 -8.56 -18.08
CA MET A 80 -4.68 -8.05 -16.70
C MET A 80 -3.30 -8.22 -16.08
N GLN A 81 -2.67 -9.38 -16.29
CA GLN A 81 -1.29 -9.58 -15.86
C GLN A 81 -0.34 -8.51 -16.44
N GLU A 82 -0.44 -8.21 -17.73
CA GLU A 82 0.41 -7.18 -18.33
C GLU A 82 0.13 -5.81 -17.72
N CYS A 83 -1.14 -5.52 -17.44
CA CYS A 83 -1.51 -4.26 -16.81
C CYS A 83 -0.85 -4.09 -15.45
N ILE A 84 -0.95 -5.12 -14.60
CA ILE A 84 -0.36 -5.04 -13.26
C ILE A 84 1.17 -4.95 -13.30
N LYS A 85 1.76 -5.65 -14.25
CA LYS A 85 3.20 -5.57 -14.46
C LYS A 85 3.60 -4.11 -14.75
N THR A 86 2.82 -3.44 -15.59
CA THR A 86 3.01 -2.02 -15.90
C THR A 86 2.86 -1.11 -14.70
N LEU A 87 1.83 -1.36 -13.88
CA LEU A 87 1.65 -0.59 -12.67
C LEU A 87 2.81 -0.80 -11.69
N ASP A 88 3.30 -2.03 -11.61
CA ASP A 88 4.41 -2.36 -10.74
C ASP A 88 5.68 -1.59 -11.15
N VAL A 89 5.94 -1.51 -12.45
CA VAL A 89 7.04 -0.68 -12.96
C VAL A 89 6.85 0.79 -12.54
N LYS A 90 5.62 1.30 -12.65
CA LYS A 90 5.31 2.68 -12.28
C LYS A 90 5.54 2.94 -10.79
N LEU A 91 5.19 1.97 -9.94
CA LEU A 91 5.40 2.05 -8.50
C LEU A 91 6.89 2.20 -8.16
N HIS A 92 7.72 1.56 -8.98
CA HIS A 92 9.18 1.63 -8.80
C HIS A 92 9.80 2.92 -9.33
N GLU A 93 9.21 3.50 -10.37
CA GLU A 93 9.82 4.59 -11.13
C GLU A 93 9.19 5.99 -10.91
N ASP A 94 7.90 6.04 -10.58
CA ASP A 94 7.10 7.28 -10.64
C ASP A 94 6.85 7.72 -9.20
N LEU A 95 7.46 8.86 -8.82
CA LEU A 95 7.43 9.29 -7.42
C LEU A 95 6.05 9.73 -7.01
N GLN A 96 5.32 10.35 -7.94
CA GLN A 96 3.95 10.75 -7.65
C GLN A 96 3.06 9.54 -7.39
N TYR A 97 3.18 8.53 -8.26
CA TYR A 97 2.39 7.30 -8.13
C TYR A 97 2.76 6.55 -6.86
N PHE A 98 4.08 6.44 -6.60
CA PHE A 98 4.56 5.80 -5.39
C PHE A 98 3.98 6.47 -4.14
N THR A 99 3.99 7.81 -4.11
CA THR A 99 3.46 8.52 -2.94
C THR A 99 1.96 8.27 -2.80
N GLN A 100 1.27 8.31 -3.95
CA GLN A 100 -0.17 8.02 -3.96
C GLN A 100 -0.50 6.62 -3.40
N ILE A 101 0.21 5.61 -3.88
CA ILE A 101 -0.01 4.23 -3.40
C ILE A 101 0.41 4.04 -1.94
N TYR A 102 1.52 4.66 -1.54
CA TYR A 102 1.93 4.64 -0.12
C TYR A 102 0.78 5.18 0.78
N ASN A 103 0.28 6.37 0.46
CA ASN A 103 -0.84 6.95 1.26
C ASN A 103 -2.12 6.12 1.22
N TYR A 104 -2.45 5.63 0.02
CA TYR A 104 -3.62 4.81 -0.21
C TYR A 104 -3.61 3.56 0.65
N ALA A 105 -2.43 2.97 0.87
CA ALA A 105 -2.30 1.70 1.60
C ALA A 105 -2.93 1.73 2.99
N PHE A 106 -2.77 2.83 3.70
CA PHE A 106 -3.27 2.96 5.06
C PHE A 106 -4.80 2.82 5.11
N ASN A 107 -5.51 3.62 4.31
CA ASN A 107 -6.98 3.58 4.33
C ASN A 107 -7.53 2.28 3.81
N LEU A 108 -6.85 1.70 2.81
CA LEU A 108 -7.28 0.40 2.25
C LEU A 108 -7.31 -0.70 3.30
N ILE A 109 -6.29 -0.75 4.15
CA ILE A 109 -6.17 -1.85 5.12
C ILE A 109 -6.77 -1.52 6.50
N LEU A 110 -7.26 -0.30 6.64
CA LEU A 110 -7.88 0.16 7.88
C LEU A 110 -9.21 -0.57 8.11
N ASP A 111 -9.43 -1.02 9.33
CA ASP A 111 -10.76 -1.48 9.74
C ASP A 111 -11.83 -0.45 9.38
N PRO A 112 -12.94 -0.93 8.82
CA PRO A 112 -14.20 -1.03 9.57
C PRO A 112 -14.02 -0.63 11.03
N ASN A 113 -14.33 0.62 11.35
CA ASN A 113 -14.60 1.02 12.73
C ASN A 113 -13.32 1.25 13.52
N ARG A 114 -12.23 1.55 12.81
CA ARG A 114 -11.00 1.99 13.46
C ARG A 114 -10.41 3.20 12.76
N LYS A 115 -9.67 3.95 13.57
CA LYS A 115 -8.99 5.13 13.04
C LYS A 115 -7.52 4.79 12.72
N ASP A 116 -6.98 3.83 13.41
CA ASP A 116 -5.57 3.42 13.29
C ASP A 116 -5.43 1.98 12.81
N ILE A 117 -4.27 1.67 12.24
CA ILE A 117 -3.91 0.30 11.90
C ILE A 117 -3.02 -0.31 12.98
N ASP A 118 -2.90 -1.64 12.98
CA ASP A 118 -2.05 -2.32 13.94
C ASP A 118 -0.59 -2.10 13.57
N THR A 119 0.27 -2.00 14.57
CA THR A 119 1.68 -1.78 14.35
C THR A 119 2.28 -2.91 13.49
N ASP A 120 1.92 -4.16 13.79
CA ASP A 120 2.39 -5.32 13.02
C ASP A 120 2.15 -5.15 11.52
N GLU A 121 0.93 -4.76 11.16
CA GLU A 121 0.60 -4.59 9.75
C GLU A 121 1.31 -3.38 9.11
N GLY A 122 1.45 -2.30 9.87
CA GLY A 122 2.24 -1.14 9.42
C GLY A 122 3.67 -1.52 9.08
N ILE A 123 4.33 -2.23 10.00
CA ILE A 123 5.72 -2.65 9.80
C ILE A 123 5.85 -3.59 8.59
N GLN A 124 4.90 -4.51 8.44
CA GLN A 124 4.84 -5.43 7.27
C GLN A 124 4.92 -4.64 5.95
N TYR A 125 4.10 -3.59 5.82
CA TYR A 125 4.12 -2.75 4.62
C TYR A 125 5.35 -1.84 4.53
N TRP A 126 5.77 -1.28 5.65
CA TRP A 126 6.98 -0.44 5.68
C TRP A 126 8.21 -1.19 5.19
N LYS A 127 8.32 -2.47 5.57
CA LYS A 127 9.46 -3.31 5.17
C LYS A 127 9.48 -3.46 3.65
N LEU A 128 8.31 -3.42 3.02
CA LEU A 128 8.24 -3.47 1.55
C LEU A 128 8.51 -2.12 0.89
N PHE A 129 7.80 -1.09 1.34
CA PHE A 129 7.89 0.24 0.75
C PHE A 129 9.29 0.83 0.77
N PHE A 130 10.03 0.59 1.84
CA PHE A 130 11.34 1.25 1.99
C PHE A 130 12.52 0.38 1.59
N GLN A 131 12.27 -0.60 0.73
CA GLN A 131 13.35 -1.36 0.07
C GLN A 131 14.07 -0.43 -0.96
N PRO A 132 15.36 -0.68 -1.21
CA PRO A 132 16.15 0.13 -2.14
C PRO A 132 15.56 0.28 -3.55
N GLU A 133 14.77 -0.69 -4.01
CA GLU A 133 14.24 -0.67 -5.37
C GLU A 133 13.15 0.39 -5.58
N TYR A 134 12.69 0.99 -4.47
CA TYR A 134 11.68 2.06 -4.52
C TYR A 134 12.30 3.47 -4.41
N PRO A 135 11.54 4.49 -4.80
CA PRO A 135 12.05 5.87 -4.92
C PRO A 135 12.63 6.55 -3.66
N VAL A 136 12.26 6.07 -2.50
CA VAL A 136 12.77 6.75 -1.30
C VAL A 136 14.03 6.07 -0.75
N ARG A 137 15.17 6.75 -0.85
CA ARG A 137 16.46 6.17 -0.44
C ARG A 137 16.76 6.48 1.03
N MET A 138 17.02 5.43 1.82
CA MET A 138 17.35 5.61 3.25
C MET A 138 18.25 4.49 3.75
N GLU A 139 18.90 4.73 4.88
CA GLU A 139 19.79 3.72 5.45
C GLU A 139 18.97 2.64 6.18
N PRO A 140 19.29 1.36 5.94
CA PRO A 140 18.59 0.27 6.61
C PRO A 140 18.61 0.35 8.15
N ASP A 141 19.72 0.83 8.72
CA ASP A 141 19.86 0.97 10.18
C ASP A 141 18.75 1.88 10.75
N LEU A 142 18.42 2.93 10.00
CA LEU A 142 17.38 3.88 10.42
C LEU A 142 15.99 3.22 10.41
N LEU A 143 15.68 2.51 9.34
CA LEU A 143 14.38 1.83 9.25
C LEU A 143 14.24 0.83 10.38
N GLU A 144 15.33 0.11 10.63
CA GLU A 144 15.39 -0.90 11.70
C GLU A 144 15.18 -0.26 13.08
N ALA A 145 15.83 0.88 13.31
CA ALA A 145 15.70 1.60 14.59
C ALA A 145 14.25 2.09 14.80
N TRP A 146 13.60 2.49 13.71
CA TRP A 146 12.18 2.89 13.76
C TRP A 146 11.30 1.72 14.24
N PHE A 147 11.47 0.55 13.63
CA PHE A 147 10.72 -0.64 14.06
C PHE A 147 11.01 -0.96 15.53
N ARG A 148 12.30 -0.92 15.89
CA ARG A 148 12.71 -1.22 17.27
C ARG A 148 12.10 -0.23 18.27
N PHE A 149 12.12 1.05 17.91
CA PHE A 149 11.49 2.11 18.72
C PHE A 149 10.01 1.79 18.98
N LEU A 150 9.28 1.47 17.92
CA LEU A 150 7.84 1.19 18.03
C LEU A 150 7.57 0.02 18.96
N ARG A 151 8.40 -1.03 18.82
CA ARG A 151 8.28 -2.22 19.65
C ARG A 151 8.66 -1.91 21.11
N ASP A 152 9.80 -1.27 21.29
CA ASP A 152 10.40 -1.01 22.60
C ASP A 152 9.56 -0.06 23.45
N GLU A 153 8.90 0.89 22.79
CA GLU A 153 8.12 1.89 23.49
C GLU A 153 6.63 1.54 23.52
N GLY A 154 6.31 0.29 23.18
CA GLY A 154 4.95 -0.23 23.24
C GLY A 154 3.94 0.46 22.34
N LYS A 155 4.43 0.90 21.17
CA LYS A 155 3.57 1.55 20.18
C LYS A 155 2.86 0.49 19.37
N THR A 156 1.60 0.21 19.75
CA THR A 156 0.83 -0.92 19.23
C THR A 156 -0.16 -0.63 18.09
N THR A 157 -0.52 0.64 17.90
CA THR A 157 -1.26 1.05 16.71
C THR A 157 -0.60 2.24 16.07
N ILE A 158 -0.89 2.48 14.80
CA ILE A 158 -0.32 3.64 14.11
C ILE A 158 -1.38 4.48 13.39
N SER A 159 -1.31 5.78 13.60
CA SER A 159 -2.33 6.68 13.07
C SER A 159 -2.04 7.07 11.62
N LYS A 160 -3.04 7.63 10.95
CA LYS A 160 -2.86 8.19 9.62
C LYS A 160 -1.79 9.28 9.57
N ASP A 161 -1.77 10.16 10.57
CA ASP A 161 -0.73 11.19 10.64
C ASP A 161 0.68 10.57 10.70
N THR A 162 0.90 9.62 11.59
CA THR A 162 2.22 8.95 11.69
C THR A 162 2.59 8.31 10.35
N TRP A 163 1.64 7.59 9.76
CA TRP A 163 1.85 6.93 8.47
C TRP A 163 2.30 7.90 7.36
N ARG A 164 1.51 8.94 7.14
CA ARG A 164 1.75 9.86 6.05
C ARG A 164 3.04 10.65 6.26
N MET A 165 3.25 11.09 7.50
CA MET A 165 4.38 11.95 7.81
C MET A 165 5.73 11.22 7.79
N LEU A 166 5.72 9.92 8.11
CA LEU A 166 6.98 9.14 8.15
C LEU A 166 7.65 9.15 6.80
N LEU A 167 6.86 9.14 5.72
CA LEU A 167 7.44 9.16 4.38
C LEU A 167 8.24 10.45 4.17
N LEU A 168 7.66 11.58 4.58
CA LEU A 168 8.36 12.87 4.48
C LEU A 168 9.61 12.88 5.35
N PHE A 169 9.49 12.36 6.56
CA PHE A 169 10.58 12.32 7.55
C PHE A 169 11.78 11.53 7.02
N PHE A 170 11.53 10.33 6.49
CA PHE A 170 12.65 9.52 5.97
C PHE A 170 13.30 10.16 4.73
N LYS A 171 12.49 10.77 3.89
CA LYS A 171 13.00 11.51 2.72
C LYS A 171 13.90 12.68 3.17
N ARG A 172 13.43 13.46 4.16
CA ARG A 172 14.18 14.60 4.67
C ARG A 172 15.44 14.22 5.44
N TYR A 173 15.36 13.18 6.27
CA TYR A 173 16.49 12.73 7.10
C TYR A 173 16.72 11.23 6.89
N PRO A 174 17.44 10.86 5.83
CA PRO A 174 17.57 9.43 5.47
C PRO A 174 18.56 8.61 6.32
N THR A 175 19.22 9.25 7.27
CA THR A 175 20.20 8.56 8.11
C THR A 175 20.00 8.96 9.56
N ILE A 176 20.34 8.04 10.47
CA ILE A 176 20.33 8.34 11.92
C ILE A 176 21.19 9.59 12.24
N GLN A 177 22.39 9.66 11.67
CA GLN A 177 23.26 10.83 11.94
C GLN A 177 22.65 12.18 11.51
N LYS A 178 21.98 12.20 10.36
CA LYS A 178 21.32 13.43 9.89
C LYS A 178 20.17 13.87 10.81
N ILE A 179 19.42 12.90 11.32
CA ILE A 179 18.37 13.16 12.33
C ILE A 179 19.02 13.72 13.61
N ILE A 180 20.01 13.00 14.12
CA ILE A 180 20.76 13.46 15.29
C ILE A 180 21.22 14.90 15.12
N SER A 181 21.88 15.18 14.00
CA SER A 181 22.55 16.46 13.79
C SER A 181 21.55 17.58 13.55
N ASP A 182 20.55 17.30 12.70
CA ASP A 182 19.73 18.36 12.11
C ASP A 182 18.26 18.42 12.53
N TYR A 183 17.63 17.41 13.05
CA TYR A 183 16.22 17.45 13.40
C TYR A 183 15.93 18.52 14.47
N ASP A 184 14.81 19.21 14.31
CA ASP A 184 14.39 20.26 15.23
C ASP A 184 13.06 19.89 15.89
N GLU A 185 13.10 19.60 17.19
CA GLU A 185 11.88 19.25 17.95
C GLU A 185 10.87 20.38 18.08
N THR A 186 11.28 21.60 17.73
CA THR A 186 10.34 22.72 17.71
C THR A 186 9.64 22.91 16.35
N ALA A 187 10.04 22.12 15.36
CA ALA A 187 9.53 22.26 13.98
C ALA A 187 8.17 21.62 13.67
N ALA A 188 7.41 21.25 14.71
CA ALA A 188 6.01 20.81 14.58
C ALA A 188 5.80 19.49 13.87
N TRP A 189 6.81 18.61 13.90
CA TRP A 189 6.66 17.24 13.43
C TRP A 189 5.73 16.53 14.40
N PRO A 190 5.18 15.35 14.00
CA PRO A 190 4.39 14.57 14.95
C PRO A 190 5.17 14.34 16.24
N PHE A 191 4.45 14.37 17.36
CA PHE A 191 5.05 14.02 18.66
C PHE A 191 5.79 12.68 18.65
N ILE A 192 5.19 11.65 18.04
CA ILE A 192 5.85 10.33 17.95
C ILE A 192 7.26 10.40 17.31
N ILE A 193 7.43 11.31 16.35
CA ILE A 193 8.73 11.48 15.70
C ILE A 193 9.71 12.22 16.62
N ASP A 194 9.19 13.18 17.39
CA ASP A 194 9.99 13.79 18.45
C ASP A 194 10.53 12.73 19.42
N GLU A 195 9.67 11.78 19.78
CA GLU A 195 10.02 10.70 20.70
C GLU A 195 11.09 9.79 20.10
N PHE A 196 10.95 9.52 18.80
CA PHE A 196 11.92 8.72 18.08
C PHE A 196 13.29 9.42 18.06
N TYR A 197 13.29 10.71 17.72
CA TYR A 197 14.49 11.56 17.78
C TYR A 197 15.21 11.45 19.13
N GLU A 198 14.46 11.61 20.21
CA GLU A 198 15.03 11.52 21.56
C GLU A 198 15.59 10.11 21.84
N CYS A 199 14.90 9.09 21.36
CA CYS A 199 15.36 7.71 21.46
C CYS A 199 16.71 7.54 20.75
N LEU A 200 16.80 8.06 19.53
CA LEU A 200 18.06 8.03 18.78
C LEU A 200 19.19 8.80 19.49
N GLN A 201 18.83 9.94 20.09
CA GLN A 201 19.78 10.72 20.89
C GLN A 201 20.35 9.88 22.03
N ASP A 202 19.48 9.10 22.67
CA ASP A 202 19.85 8.28 23.84
C ASP A 202 20.70 7.07 23.50
N GLN A 203 20.68 6.65 22.24
CA GLN A 203 21.45 5.51 21.76
C GLN A 203 22.85 5.92 21.33
N GLN A 204 23.08 7.23 21.27
CA GLN A 204 24.36 7.75 20.79
C GLN A 204 25.43 7.63 21.86
PT PT B . 2.20 15.24 6.35
CL CL C . 1.49 17.77 4.58
CL CL D . 4.47 14.03 2.69
CL CL E . -1.21 13.88 8.31
CL CL F . 1.57 17.88 8.80
O1 MES G . -23.66 1.68 -17.57
C2 MES G . -22.52 1.20 -18.27
C3 MES G . -22.87 -0.04 -19.10
N4 MES G . -23.61 -1.01 -18.28
C5 MES G . -24.55 -0.57 -17.25
C6 MES G . -24.06 0.73 -16.59
C7 MES G . -23.41 -2.41 -18.65
C8 MES G . -24.37 -3.36 -17.93
S MES G . -24.36 -4.87 -18.63
O1S MES G . -24.98 -5.82 -17.70
O2S MES G . -25.16 -4.81 -19.88
O3S MES G . -23.00 -5.35 -18.96
#